data_7G92
#
_entry.id   7G92
#
_cell.length_a   71.030
_cell.length_b   71.030
_cell.length_c   196.046
_cell.angle_alpha   90.000
_cell.angle_beta   90.000
_cell.angle_gamma   90.000
#
_symmetry.space_group_name_H-M   'P 43 21 2'
#
loop_
_entity.id
_entity.type
_entity.pdbx_description
1 polymer 'Transforming protein RhoA'
2 polymer 'Rho guanine nucleotide exchange factor 2'
3 non-polymer (2~{S})-~{N}-(4-aminocarbonylphenyl)oxolane-2-carboxamide
4 non-polymer 'DIMETHYL SULFOXIDE'
5 non-polymer 'FORMIC ACID'
6 water water
#
loop_
_entity_poly.entity_id
_entity_poly.type
_entity_poly.pdbx_seq_one_letter_code
_entity_poly.pdbx_strand_id
1 'polypeptide(L)'
;SMAAIRKKLVIVGDGACGKTCLLIVFSKDQFPEVYVPTVFENYVADIEVDGKQVELALWDTAGQEDYDRLRPLSYPDTDV
ILMCFSIDSPDSLENIPEKWTPEVKHFCPNVPIILVGNKKDLRNDEHTRRELAKMKQEPVKPEEGRDMANRIGAFGYMEC
SAKTKDGVREVFEMATRAALQARRG
;
A
2 'polypeptide(L)'
;SMEMDEKDFAADSWSLAVDSSFLQQHKKEVMKQQDVIYELIQTELHHVRTLKIMTRLFRTGMLEELHLEPGVVQGLFPCV
DELSDIHTRFLSQLLERRRQALCPGSTRNFVIHRLGDLLISQFSGPSAEQMCKTYSEFCSRHSKALKLYKELYARDKRFQ
QFIRKVTRPAVLKRHGVQECILLVTQRITKYPLLISRILQHSHGIEEERQDLTTALGLVKELLSNVDEGIYQLEKGARLQ
EIYNR
;
B
#
loop_
_chem_comp.id
_chem_comp.type
_chem_comp.name
_chem_comp.formula
DMS non-polymer 'DIMETHYL SULFOXIDE' 'C2 H6 O S'
FMT non-polymer 'FORMIC ACID' 'C H2 O2'
LWA non-polymer (2~{S})-~{N}-(4-aminocarbonylphenyl)oxolane-2-carboxamide 'C12 H14 N2 O3'
#
# COMPACT_ATOMS: atom_id res chain seq x y z
N ALA A 4 2.93 -21.30 -12.83
CA ALA A 4 3.71 -20.06 -12.83
C ALA A 4 4.56 -19.94 -11.57
N ILE A 5 5.76 -19.38 -11.70
CA ILE A 5 6.64 -19.17 -10.55
C ILE A 5 6.30 -17.80 -9.97
N ARG A 6 6.31 -17.68 -8.64
CA ARG A 6 5.99 -16.44 -7.98
C ARG A 6 7.22 -15.55 -7.76
N LYS A 7 7.15 -14.29 -8.20
CA LYS A 7 8.21 -13.31 -8.01
C LYS A 7 7.65 -12.04 -7.37
N LYS A 8 8.48 -11.26 -6.68
CA LYS A 8 8.03 -10.07 -5.98
C LYS A 8 8.80 -8.84 -6.48
N LEU A 9 8.05 -7.76 -6.75
CA LEU A 9 8.59 -6.50 -7.24
C LEU A 9 8.20 -5.39 -6.28
N VAL A 10 9.16 -4.48 -5.96
CA VAL A 10 8.90 -3.33 -5.10
C VAL A 10 9.42 -2.10 -5.86
N ILE A 11 8.62 -1.01 -5.88
CA ILE A 11 9.04 0.22 -6.52
CA ILE A 11 9.06 0.23 -6.51
C ILE A 11 9.42 1.21 -5.42
N VAL A 12 10.58 1.84 -5.57
CA VAL A 12 11.11 2.81 -4.61
CA VAL A 12 11.13 2.78 -4.62
C VAL A 12 11.37 4.14 -5.32
N GLY A 13 11.52 5.20 -4.55
CA GLY A 13 11.75 6.53 -5.10
C GLY A 13 11.09 7.62 -4.30
N ASP A 14 11.43 8.89 -4.61
CA ASP A 14 10.89 10.05 -3.92
C ASP A 14 9.36 10.16 -4.12
N GLY A 15 8.72 10.91 -3.21
CA GLY A 15 7.28 11.16 -3.21
C GLY A 15 6.68 11.58 -4.54
N ALA A 16 7.34 12.48 -5.27
CA ALA A 16 6.75 12.94 -6.55
C ALA A 16 7.34 12.23 -7.78
N CYS A 17 7.85 11.01 -7.62
CA CYS A 17 8.49 10.31 -8.75
C CYS A 17 7.51 9.63 -9.72
N GLY A 18 6.24 9.51 -9.35
CA GLY A 18 5.25 8.88 -10.21
C GLY A 18 5.15 7.37 -10.08
N LYS A 19 5.70 6.79 -9.00
CA LYS A 19 5.65 5.34 -8.81
CA LYS A 19 5.64 5.34 -8.80
C LYS A 19 4.22 4.78 -8.69
N THR A 20 3.34 5.45 -7.93
CA THR A 20 1.97 4.97 -7.74
C THR A 20 1.23 4.95 -9.07
N CYS A 21 1.32 6.02 -9.84
CA CYS A 21 0.66 6.09 -11.14
CA CYS A 21 0.63 6.06 -11.13
C CYS A 21 1.12 5.00 -12.09
N LEU A 22 2.44 4.68 -12.07
CA LEU A 22 2.98 3.65 -12.94
C LEU A 22 2.37 2.26 -12.59
N LEU A 23 2.34 1.89 -11.29
CA LEU A 23 1.72 0.64 -10.86
C LEU A 23 0.21 0.58 -11.20
N ILE A 24 -0.52 1.69 -11.01
CA ILE A 24 -1.96 1.74 -11.33
C ILE A 24 -2.20 1.50 -12.84
N VAL A 25 -1.51 2.25 -13.71
CA VAL A 25 -1.68 2.10 -15.15
C VAL A 25 -1.34 0.69 -15.64
N PHE A 26 -0.28 0.06 -15.09
CA PHE A 26 0.08 -1.28 -15.51
C PHE A 26 -0.99 -2.27 -15.05
N SER A 27 -1.41 -2.19 -13.78
CA SER A 27 -2.38 -3.15 -13.24
C SER A 27 -3.78 -3.03 -13.82
N LYS A 28 -4.29 -1.81 -14.00
CA LYS A 28 -5.66 -1.61 -14.50
C LYS A 28 -5.89 -2.06 -15.92
N ASP A 29 -6.98 -2.79 -16.17
CA ASP A 29 -7.29 -3.26 -17.53
C ASP A 29 -7.66 -2.06 -18.41
N GLN A 30 -8.49 -1.16 -17.88
CA GLN A 30 -8.85 0.06 -18.60
C GLN A 30 -8.12 1.26 -17.95
N PHE A 31 -7.61 2.20 -18.77
CA PHE A 31 -6.91 3.38 -18.26
C PHE A 31 -7.82 4.20 -17.33
N PRO A 32 -7.31 4.77 -16.22
CA PRO A 32 -8.19 5.54 -15.32
C PRO A 32 -8.59 6.92 -15.87
N GLU A 33 -9.55 6.94 -16.79
CA GLU A 33 -10.04 8.17 -17.43
C GLU A 33 -11.02 8.96 -16.58
N VAL A 34 -11.62 8.36 -15.54
CA VAL A 34 -12.57 9.07 -14.69
C VAL A 34 -11.94 9.49 -13.34
N TYR A 35 -11.15 8.60 -12.74
CA TYR A 35 -10.54 8.90 -11.45
C TYR A 35 -9.22 8.20 -11.32
N VAL A 36 -8.17 8.96 -10.94
CA VAL A 36 -6.88 8.35 -10.73
C VAL A 36 -6.76 8.05 -9.23
N PRO A 37 -6.63 6.79 -8.82
CA PRO A 37 -6.51 6.49 -7.38
C PRO A 37 -5.31 7.16 -6.71
N THR A 38 -5.51 7.57 -5.48
CA THR A 38 -4.48 8.18 -4.64
C THR A 38 -3.46 7.10 -4.22
N VAL A 39 -3.93 5.89 -3.93
CA VAL A 39 -3.05 4.85 -3.42
C VAL A 39 -3.18 3.53 -4.21
N PHE A 40 -2.21 2.64 -3.99
CA PHE A 40 -2.15 1.34 -4.60
C PHE A 40 -2.00 0.34 -3.46
N GLU A 41 -2.85 -0.68 -3.42
CA GLU A 41 -2.80 -1.67 -2.34
C GLU A 41 -1.71 -2.72 -2.65
N ASN A 42 -2.01 -3.64 -3.60
CA ASN A 42 -1.08 -4.62 -4.16
C ASN A 42 -1.77 -5.20 -5.41
N TYR A 43 -1.02 -5.99 -6.18
CA TYR A 43 -1.56 -6.63 -7.37
C TYR A 43 -0.68 -7.84 -7.68
N VAL A 44 -1.26 -8.89 -8.25
CA VAL A 44 -0.47 -10.04 -8.68
C VAL A 44 -0.66 -10.15 -10.19
N ALA A 45 0.33 -9.70 -10.97
CA ALA A 45 0.24 -9.68 -12.43
C ALA A 45 0.56 -11.03 -13.05
N ASP A 46 -0.20 -11.42 -14.07
CA ASP A 46 0.11 -12.65 -14.81
C ASP A 46 0.92 -12.16 -16.01
N ILE A 47 2.19 -12.55 -16.09
CA ILE A 47 3.07 -12.08 -17.17
CA ILE A 47 3.03 -12.11 -17.18
C ILE A 47 3.76 -13.27 -17.85
N GLU A 48 3.79 -13.28 -19.17
CA GLU A 48 4.49 -14.32 -19.92
CA GLU A 48 4.51 -14.31 -19.91
C GLU A 48 5.64 -13.62 -20.64
N VAL A 49 6.89 -13.90 -20.25
CA VAL A 49 8.03 -13.25 -20.88
C VAL A 49 9.03 -14.28 -21.36
N ASP A 50 9.39 -14.20 -22.65
CA ASP A 50 10.34 -15.11 -23.30
C ASP A 50 9.97 -16.59 -23.07
N GLY A 51 8.68 -16.90 -23.16
CA GLY A 51 8.21 -18.26 -22.98
C GLY A 51 8.02 -18.73 -21.55
N LYS A 52 8.28 -17.87 -20.55
CA LYS A 52 8.14 -18.27 -19.15
C LYS A 52 6.96 -17.54 -18.48
N GLN A 53 6.08 -18.31 -17.80
CA GLN A 53 4.91 -17.77 -17.09
CA GLN A 53 4.92 -17.75 -17.11
C GLN A 53 5.25 -17.39 -15.65
N VAL A 54 5.05 -16.12 -15.27
CA VAL A 54 5.35 -15.65 -13.92
C VAL A 54 4.14 -14.96 -13.26
N GLU A 55 3.97 -15.13 -11.94
CA GLU A 55 3.01 -14.40 -11.14
C GLU A 55 3.88 -13.33 -10.47
N LEU A 56 3.82 -12.08 -10.92
CA LEU A 56 4.64 -11.01 -10.36
C LEU A 56 3.80 -10.16 -9.39
N ALA A 57 4.11 -10.22 -8.08
CA ALA A 57 3.39 -9.44 -7.08
C ALA A 57 3.99 -8.03 -7.05
N LEU A 58 3.16 -7.01 -7.09
CA LEU A 58 3.61 -5.61 -7.16
C LEU A 58 3.36 -4.87 -5.86
N TRP A 59 4.34 -4.10 -5.39
CA TRP A 59 4.25 -3.34 -4.16
C TRP A 59 4.81 -1.94 -4.32
N ASP A 60 4.17 -1.00 -3.67
CA ASP A 60 4.54 0.41 -3.67
C ASP A 60 5.11 0.74 -2.26
N THR A 61 6.03 1.72 -2.18
CA THR A 61 6.56 2.26 -0.93
C THR A 61 6.02 3.69 -0.69
N ALA A 62 5.07 4.19 -1.50
CA ALA A 62 4.50 5.53 -1.33
C ALA A 62 3.84 5.63 0.06
N GLY A 63 4.12 6.71 0.74
CA GLY A 63 3.66 6.91 2.10
C GLY A 63 4.72 6.55 3.12
N GLN A 64 5.70 5.71 2.74
CA GLN A 64 6.75 5.25 3.67
C GLN A 64 8.05 6.05 3.62
N GLU A 65 8.13 7.07 2.76
CA GLU A 65 9.36 7.82 2.54
C GLU A 65 9.93 8.47 3.81
N ASP A 66 9.09 8.93 4.74
CA ASP A 66 9.61 9.59 5.97
C ASP A 66 9.72 8.63 7.19
N TYR A 67 9.42 7.33 7.01
CA TYR A 67 9.41 6.40 8.15
C TYR A 67 10.44 5.31 7.95
N ASP A 68 11.66 5.56 8.45
CA ASP A 68 12.86 4.74 8.23
C ASP A 68 12.80 3.35 8.84
N ARG A 69 11.93 3.13 9.82
CA ARG A 69 11.78 1.81 10.43
C ARG A 69 10.57 1.04 9.89
N LEU A 70 9.59 1.72 9.29
CA LEU A 70 8.42 1.06 8.71
C LEU A 70 8.76 0.66 7.27
N ARG A 71 9.38 1.57 6.49
CA ARG A 71 9.72 1.34 5.09
C ARG A 71 10.47 0.02 4.77
N PRO A 72 11.52 -0.37 5.50
CA PRO A 72 12.23 -1.63 5.18
C PRO A 72 11.39 -2.90 5.27
N LEU A 73 10.25 -2.85 5.99
CA LEU A 73 9.35 -4.03 6.09
C LEU A 73 8.72 -4.37 4.72
N SER A 74 8.78 -3.45 3.74
CA SER A 74 8.31 -3.74 2.38
C SER A 74 9.35 -4.62 1.59
N TYR A 75 10.65 -4.64 2.02
CA TYR A 75 11.73 -5.32 1.28
C TYR A 75 11.87 -6.85 1.37
N PRO A 76 11.50 -7.58 2.46
CA PRO A 76 11.76 -9.03 2.49
C PRO A 76 11.33 -9.82 1.25
N ASP A 77 12.27 -10.64 0.76
CA ASP A 77 12.14 -11.56 -0.36
C ASP A 77 11.83 -10.90 -1.69
N THR A 78 12.24 -9.63 -1.86
CA THR A 78 12.05 -8.94 -3.13
C THR A 78 12.96 -9.59 -4.20
N ASP A 79 12.44 -9.81 -5.42
CA ASP A 79 13.22 -10.41 -6.50
C ASP A 79 13.71 -9.36 -7.49
N VAL A 80 13.04 -8.19 -7.57
CA VAL A 80 13.43 -7.11 -8.46
C VAL A 80 12.97 -5.76 -7.89
N ILE A 81 13.85 -4.76 -7.96
CA ILE A 81 13.57 -3.40 -7.51
C ILE A 81 13.43 -2.48 -8.72
N LEU A 82 12.33 -1.72 -8.82
CA LEU A 82 12.25 -0.65 -9.81
C LEU A 82 12.59 0.60 -9.00
N MET A 83 13.67 1.30 -9.35
CA MET A 83 14.07 2.52 -8.63
CA MET A 83 14.07 2.52 -8.65
C MET A 83 13.68 3.70 -9.53
N CYS A 84 12.64 4.44 -9.14
CA CYS A 84 12.14 5.52 -9.95
C CYS A 84 12.61 6.92 -9.59
N PHE A 85 12.64 7.76 -10.62
CA PHE A 85 12.80 9.21 -10.51
C PHE A 85 11.87 9.80 -11.59
N SER A 86 11.56 11.08 -11.47
CA SER A 86 10.73 11.75 -12.46
C SER A 86 11.63 12.59 -13.36
N ILE A 87 11.39 12.51 -14.68
CA ILE A 87 12.17 13.24 -15.66
C ILE A 87 11.95 14.77 -15.55
N ASP A 88 10.79 15.21 -15.01
CA ASP A 88 10.52 16.63 -14.74
C ASP A 88 11.12 17.12 -13.40
N SER A 89 11.88 16.27 -12.72
CA SER A 89 12.42 16.60 -11.43
C SER A 89 13.88 16.17 -11.32
N PRO A 90 14.83 16.95 -11.87
CA PRO A 90 16.25 16.60 -11.69
C PRO A 90 16.67 16.40 -10.23
N ASP A 91 15.95 17.01 -9.25
CA ASP A 91 16.24 16.79 -7.82
C ASP A 91 15.91 15.35 -7.38
N SER A 92 14.89 14.69 -7.98
CA SER A 92 14.60 13.29 -7.67
C SER A 92 15.72 12.34 -8.17
N LEU A 93 16.50 12.76 -9.20
CA LEU A 93 17.61 11.95 -9.72
C LEU A 93 18.82 12.01 -8.78
N GLU A 94 19.10 13.19 -8.23
CA GLU A 94 20.21 13.41 -7.32
C GLU A 94 20.07 12.62 -5.98
N ASN A 95 18.84 12.29 -5.56
CA ASN A 95 18.64 11.49 -4.34
C ASN A 95 18.86 9.97 -4.57
N ILE A 96 18.91 9.54 -5.84
CA ILE A 96 19.10 8.13 -6.16
C ILE A 96 20.42 7.55 -5.59
N PRO A 97 21.61 8.17 -5.84
CA PRO A 97 22.85 7.50 -5.43
C PRO A 97 23.21 7.46 -3.95
N GLU A 98 22.91 8.51 -3.18
CA GLU A 98 23.33 8.49 -1.78
C GLU A 98 22.18 8.32 -0.79
N LYS A 99 20.91 8.20 -1.26
CA LYS A 99 19.82 7.91 -0.35
C LYS A 99 19.19 6.53 -0.67
N TRP A 100 18.56 6.39 -1.84
CA TRP A 100 17.87 5.16 -2.19
C TRP A 100 18.80 3.97 -2.48
N THR A 101 19.89 4.20 -3.21
CA THR A 101 20.79 3.11 -3.58
C THR A 101 21.42 2.39 -2.38
N PRO A 102 22.04 3.09 -1.40
CA PRO A 102 22.62 2.35 -0.26
C PRO A 102 21.58 1.59 0.57
N GLU A 103 20.33 2.13 0.67
CA GLU A 103 19.28 1.45 1.41
C GLU A 103 18.90 0.14 0.74
N VAL A 104 18.64 0.18 -0.55
CA VAL A 104 18.22 -1.00 -1.31
C VAL A 104 19.34 -2.04 -1.36
N LYS A 105 20.62 -1.59 -1.45
CA LYS A 105 21.73 -2.54 -1.49
C LYS A 105 21.92 -3.25 -0.14
N HIS A 106 21.55 -2.59 0.97
CA HIS A 106 21.65 -3.13 2.32
C HIS A 106 20.54 -4.14 2.61
N PHE A 107 19.27 -3.78 2.32
CA PHE A 107 18.13 -4.66 2.61
C PHE A 107 17.85 -5.70 1.51
N CYS A 108 18.34 -5.46 0.27
CA CYS A 108 18.09 -6.35 -0.85
C CYS A 108 19.43 -6.69 -1.55
N PRO A 109 20.39 -7.34 -0.85
CA PRO A 109 21.68 -7.60 -1.49
C PRO A 109 21.52 -8.53 -2.68
N ASN A 110 22.21 -8.22 -3.76
CA ASN A 110 22.18 -9.07 -4.94
C ASN A 110 20.85 -8.98 -5.72
N VAL A 111 19.91 -8.10 -5.31
CA VAL A 111 18.66 -7.95 -6.05
C VAL A 111 18.87 -6.96 -7.19
N PRO A 112 18.53 -7.33 -8.43
CA PRO A 112 18.68 -6.39 -9.55
C PRO A 112 17.83 -5.14 -9.39
N ILE A 113 18.39 -4.00 -9.72
CA ILE A 113 17.69 -2.72 -9.65
C ILE A 113 17.57 -2.22 -11.08
N ILE A 114 16.39 -1.82 -11.50
CA ILE A 114 16.22 -1.19 -12.80
C ILE A 114 15.93 0.26 -12.51
N LEU A 115 16.77 1.18 -12.99
CA LEU A 115 16.52 2.61 -12.77
C LEU A 115 15.52 3.01 -13.84
N VAL A 116 14.40 3.61 -13.42
CA VAL A 116 13.33 4.01 -14.34
C VAL A 116 13.07 5.52 -14.33
N GLY A 117 13.10 6.15 -15.50
CA GLY A 117 12.78 7.56 -15.61
C GLY A 117 11.32 7.67 -16.00
N ASN A 118 10.47 8.14 -15.06
CA ASN A 118 9.04 8.29 -15.30
C ASN A 118 8.70 9.64 -15.91
N LYS A 119 7.44 9.80 -16.41
CA LYS A 119 6.94 11.06 -16.95
C LYS A 119 7.79 11.55 -18.12
N LYS A 120 8.23 10.60 -18.97
CA LYS A 120 9.10 10.97 -20.10
C LYS A 120 8.43 11.95 -21.05
N ASP A 121 7.08 12.02 -21.05
CA ASP A 121 6.27 12.95 -21.87
C ASP A 121 6.52 14.42 -21.47
N LEU A 122 6.98 14.68 -20.24
CA LEU A 122 7.22 16.06 -19.79
C LEU A 122 8.55 16.67 -20.31
N ARG A 123 9.39 15.85 -20.96
CA ARG A 123 10.64 16.29 -21.57
C ARG A 123 10.36 17.31 -22.71
N ASN A 124 9.20 17.21 -23.36
CA ASN A 124 8.80 18.13 -24.43
C ASN A 124 7.51 18.86 -24.07
N ASP A 125 7.39 19.28 -22.81
CA ASP A 125 6.24 20.01 -22.31
C ASP A 125 6.73 21.43 -21.99
N GLU A 126 6.14 22.46 -22.64
CA GLU A 126 6.60 23.83 -22.44
C GLU A 126 6.43 24.35 -21.02
N HIS A 127 5.32 24.04 -20.36
CA HIS A 127 5.10 24.47 -18.97
C HIS A 127 6.21 23.94 -18.04
N THR A 128 6.57 22.65 -18.23
CA THR A 128 7.60 21.97 -17.46
C THR A 128 8.94 22.65 -17.70
N ARG A 129 9.29 22.90 -18.96
CA ARG A 129 10.55 23.56 -19.30
C ARG A 129 10.64 24.99 -18.75
N ARG A 130 9.53 25.74 -18.76
CA ARG A 130 9.52 27.11 -18.23
C ARG A 130 9.71 27.10 -16.71
N GLU A 131 8.98 26.25 -16.00
CA GLU A 131 9.09 26.16 -14.54
C GLU A 131 10.49 25.78 -14.08
N LEU A 132 11.11 24.77 -14.72
CA LEU A 132 12.45 24.31 -14.35
C LEU A 132 13.50 25.38 -14.64
N ALA A 133 13.35 26.13 -15.74
CA ALA A 133 14.27 27.21 -16.14
C ALA A 133 14.40 28.33 -15.10
N LYS A 134 13.40 28.48 -14.22
CA LYS A 134 13.43 29.47 -13.14
C LYS A 134 14.37 29.03 -11.99
N MET A 135 14.71 27.73 -11.89
CA MET A 135 15.62 27.25 -10.86
C MET A 135 16.96 26.77 -11.44
N LYS A 136 17.37 27.34 -12.61
CA LYS A 136 18.59 26.99 -13.33
C LYS A 136 18.63 25.49 -13.61
N GLN A 137 17.47 24.94 -14.04
CA GLN A 137 17.30 23.51 -14.32
C GLN A 137 16.63 23.22 -15.67
N GLU A 138 16.70 21.96 -16.11
CA GLU A 138 16.03 21.48 -17.32
C GLU A 138 15.62 20.00 -17.15
N PRO A 139 14.67 19.46 -17.94
CA PRO A 139 14.29 18.06 -17.75
C PRO A 139 15.49 17.12 -17.85
N VAL A 140 15.46 16.01 -17.10
CA VAL A 140 16.57 15.04 -17.10
C VAL A 140 16.83 14.52 -18.50
N LYS A 141 18.09 14.59 -18.95
CA LYS A 141 18.47 14.12 -20.28
C LYS A 141 18.61 12.60 -20.32
N PRO A 142 18.34 11.96 -21.47
CA PRO A 142 18.48 10.49 -21.54
C PRO A 142 19.85 9.96 -21.07
N GLU A 143 20.95 10.65 -21.42
CA GLU A 143 22.31 10.26 -21.03
C GLU A 143 22.56 10.44 -19.54
N GLU A 144 21.88 11.43 -18.91
CA GLU A 144 21.98 11.65 -17.47
C GLU A 144 21.36 10.49 -16.71
N GLY A 145 20.24 9.97 -17.23
CA GLY A 145 19.62 8.78 -16.66
C GLY A 145 20.49 7.55 -16.79
N ARG A 146 21.00 7.29 -18.03
CA ARG A 146 21.88 6.13 -18.30
C ARG A 146 23.16 6.19 -17.44
N ASP A 147 23.78 7.38 -17.34
CA ASP A 147 25.01 7.53 -16.55
C ASP A 147 24.78 7.23 -15.07
N MET A 148 23.63 7.67 -14.51
CA MET A 148 23.30 7.40 -13.09
C MET A 148 23.06 5.91 -12.92
N ALA A 149 22.33 5.29 -13.85
CA ALA A 149 22.09 3.85 -13.78
C ALA A 149 23.41 3.05 -13.82
N ASN A 150 24.35 3.47 -14.69
CA ASN A 150 25.69 2.87 -14.83
C ASN A 150 26.46 2.99 -13.50
N ARG A 151 26.51 4.22 -12.95
CA ARG A 151 27.17 4.56 -11.69
C ARG A 151 26.66 3.76 -10.47
N ILE A 152 25.33 3.61 -10.30
CA ILE A 152 24.79 2.90 -9.13
C ILE A 152 24.81 1.36 -9.27
N GLY A 153 25.29 0.83 -10.38
CA GLY A 153 25.35 -0.61 -10.58
C GLY A 153 24.00 -1.20 -10.93
N ALA A 154 23.14 -0.42 -11.61
CA ALA A 154 21.81 -0.91 -11.99
C ALA A 154 21.94 -1.97 -13.08
N PHE A 155 21.00 -2.91 -13.06
CA PHE A 155 20.86 -3.97 -14.06
C PHE A 155 20.61 -3.31 -15.44
N GLY A 156 19.87 -2.20 -15.45
CA GLY A 156 19.60 -1.44 -16.66
C GLY A 156 18.86 -0.15 -16.42
N TYR A 157 18.72 0.66 -17.48
CA TYR A 157 18.02 1.93 -17.43
C TYR A 157 16.89 1.88 -18.44
N MET A 158 15.69 2.34 -18.03
CA MET A 158 14.52 2.39 -18.90
C MET A 158 13.75 3.68 -18.65
N GLU A 159 12.93 4.09 -19.63
CA GLU A 159 12.08 5.26 -19.52
C GLU A 159 10.62 4.89 -19.88
N CYS A 160 9.66 5.59 -19.27
CA CYS A 160 8.23 5.37 -19.57
C CYS A 160 7.41 6.60 -19.28
N SER A 161 6.13 6.57 -19.74
CA SER A 161 5.12 7.58 -19.49
C SER A 161 3.84 6.88 -19.00
N ALA A 162 3.48 7.01 -17.70
CA ALA A 162 2.21 6.44 -17.23
C ALA A 162 1.02 7.15 -17.94
N LYS A 163 1.15 8.44 -18.25
CA LYS A 163 0.14 9.24 -18.93
C LYS A 163 -0.24 8.68 -20.33
N THR A 164 0.73 8.41 -21.20
CA THR A 164 0.46 7.89 -22.54
C THR A 164 0.54 6.36 -22.65
N LYS A 165 1.03 5.68 -21.59
CA LYS A 165 1.30 4.24 -21.49
C LYS A 165 2.57 3.78 -22.22
N ASP A 166 3.26 4.68 -22.95
CA ASP A 166 4.47 4.29 -23.69
C ASP A 166 5.59 3.81 -22.78
N GLY A 167 6.11 2.63 -23.07
CA GLY A 167 7.20 2.05 -22.31
C GLY A 167 6.80 1.30 -21.05
N VAL A 168 5.53 1.39 -20.63
CA VAL A 168 5.08 0.74 -19.40
C VAL A 168 5.17 -0.78 -19.48
N ARG A 169 4.60 -1.39 -20.52
CA ARG A 169 4.67 -2.85 -20.70
C ARG A 169 6.13 -3.37 -20.69
N GLU A 170 7.03 -2.70 -21.43
CA GLU A 170 8.42 -3.10 -21.55
C GLU A 170 9.15 -3.07 -20.21
N VAL A 171 8.80 -2.11 -19.35
CA VAL A 171 9.43 -2.00 -18.03
C VAL A 171 9.11 -3.23 -17.16
N PHE A 172 7.82 -3.62 -17.12
CA PHE A 172 7.37 -4.74 -16.30
C PHE A 172 7.80 -6.07 -16.90
N GLU A 173 7.84 -6.18 -18.23
CA GLU A 173 8.35 -7.43 -18.86
C GLU A 173 9.85 -7.58 -18.57
N MET A 174 10.62 -6.49 -18.61
CA MET A 174 12.06 -6.54 -18.31
C MET A 174 12.25 -6.81 -16.82
N ALA A 175 11.43 -6.24 -15.96
CA ALA A 175 11.50 -6.52 -14.52
C ALA A 175 11.29 -8.01 -14.22
N THR A 176 10.42 -8.66 -14.99
CA THR A 176 10.14 -10.09 -14.83
C THR A 176 11.37 -10.88 -15.22
N ARG A 177 11.97 -10.56 -16.38
CA ARG A 177 13.22 -11.18 -16.82
C ARG A 177 14.34 -10.98 -15.75
N ALA A 178 14.49 -9.77 -15.15
CA ALA A 178 15.50 -9.57 -14.11
C ALA A 178 15.24 -10.47 -12.91
N ALA A 179 13.98 -10.54 -12.44
CA ALA A 179 13.57 -11.38 -11.34
C ALA A 179 13.82 -12.87 -11.62
N LEU A 180 13.75 -13.29 -12.89
CA LEU A 180 14.03 -14.70 -13.25
C LEU A 180 15.52 -15.07 -13.23
N GLN A 181 16.43 -14.09 -13.34
CA GLN A 181 17.87 -14.38 -13.35
C GLN A 181 18.41 -14.92 -12.03
N SER B 1 -16.03 -9.31 3.35
CA SER B 1 -16.99 -8.22 3.24
CA SER B 1 -16.99 -8.21 3.29
C SER B 1 -18.41 -8.71 3.03
N MET B 2 -19.40 -7.89 3.42
CA MET B 2 -20.79 -8.23 3.22
C MET B 2 -21.28 -7.64 1.92
N GLU B 3 -22.14 -8.38 1.23
CA GLU B 3 -22.62 -8.01 -0.10
C GLU B 3 -23.15 -6.56 -0.23
N MET B 4 -23.90 -6.08 0.78
CA MET B 4 -24.44 -4.72 0.79
CA MET B 4 -24.45 -4.72 0.79
C MET B 4 -23.33 -3.69 0.61
N ASP B 5 -22.25 -3.80 1.41
CA ASP B 5 -21.11 -2.90 1.36
C ASP B 5 -20.28 -3.06 0.07
N GLU B 6 -20.15 -4.30 -0.43
CA GLU B 6 -19.39 -4.52 -1.67
C GLU B 6 -20.07 -3.87 -2.84
N LYS B 7 -21.41 -3.95 -2.93
CA LYS B 7 -22.12 -3.36 -4.05
C LYS B 7 -22.02 -1.83 -3.95
N ASP B 8 -22.17 -1.27 -2.72
CA ASP B 8 -22.07 0.19 -2.51
C ASP B 8 -20.67 0.69 -2.91
N PHE B 9 -19.62 -0.16 -2.78
CA PHE B 9 -18.27 0.26 -3.15
C PHE B 9 -17.69 -0.51 -4.37
N ALA B 10 -18.55 -1.00 -5.26
CA ALA B 10 -18.13 -1.75 -6.45
C ALA B 10 -17.55 -0.84 -7.54
N ALA B 11 -18.07 0.39 -7.69
CA ALA B 11 -17.63 1.31 -8.73
C ALA B 11 -16.18 1.83 -8.51
N ASP B 12 -15.46 2.21 -9.61
CA ASP B 12 -14.11 2.75 -9.47
C ASP B 12 -14.07 4.10 -8.74
N SER B 13 -15.20 4.83 -8.70
CA SER B 13 -15.22 6.12 -8.04
C SER B 13 -16.62 6.50 -7.52
N TRP B 14 -16.70 7.56 -6.69
CA TRP B 14 -17.98 8.12 -6.22
C TRP B 14 -18.80 8.58 -7.43
N SER B 15 -18.15 9.22 -8.44
CA SER B 15 -18.83 9.73 -9.64
CA SER B 15 -18.83 9.73 -9.64
C SER B 15 -19.48 8.64 -10.49
N LEU B 16 -18.98 7.41 -10.41
CA LEU B 16 -19.55 6.27 -11.12
C LEU B 16 -20.52 5.47 -10.19
N ALA B 17 -20.41 5.64 -8.87
CA ALA B 17 -21.28 4.96 -7.91
C ALA B 17 -22.67 5.64 -7.82
N VAL B 18 -22.73 6.98 -7.80
CA VAL B 18 -24.02 7.69 -7.70
C VAL B 18 -24.75 7.70 -9.04
N ASP B 19 -26.07 7.99 -9.05
CA ASP B 19 -26.86 8.10 -10.28
C ASP B 19 -26.33 9.32 -11.06
N SER B 20 -26.33 9.26 -12.41
CA SER B 20 -25.82 10.40 -13.19
C SER B 20 -26.66 11.64 -13.02
N SER B 21 -27.98 11.51 -12.77
CA SER B 21 -28.83 12.67 -12.52
C SER B 21 -28.49 13.33 -11.17
N PHE B 22 -27.98 12.57 -10.20
CA PHE B 22 -27.55 13.11 -8.92
C PHE B 22 -26.17 13.79 -9.12
N LEU B 23 -25.27 13.13 -9.86
CA LEU B 23 -23.92 13.64 -10.15
C LEU B 23 -23.99 15.03 -10.80
N GLN B 24 -24.83 15.17 -11.84
CA GLN B 24 -25.03 16.42 -12.59
C GLN B 24 -25.39 17.60 -11.70
N GLN B 25 -25.96 17.36 -10.51
CA GLN B 25 -26.40 18.45 -9.65
C GLN B 25 -25.29 19.06 -8.80
N HIS B 26 -24.06 18.51 -8.83
CA HIS B 26 -22.96 18.98 -8.00
C HIS B 26 -21.83 19.69 -8.75
N LYS B 27 -21.13 20.59 -8.06
CA LYS B 27 -19.96 21.27 -8.63
C LYS B 27 -18.81 20.29 -8.74
N LYS B 28 -17.90 20.53 -9.71
CA LYS B 28 -16.72 19.71 -9.96
C LYS B 28 -15.88 19.54 -8.68
N GLU B 29 -15.72 20.60 -7.88
CA GLU B 29 -14.94 20.51 -6.65
C GLU B 29 -15.54 19.53 -5.66
N VAL B 30 -16.87 19.51 -5.53
CA VAL B 30 -17.58 18.57 -4.65
C VAL B 30 -17.35 17.16 -5.14
N MET B 31 -17.43 16.94 -6.45
CA MET B 31 -17.20 15.62 -7.03
CA MET B 31 -17.19 15.63 -7.04
C MET B 31 -15.76 15.15 -6.73
N LYS B 32 -14.77 16.05 -6.85
CA LYS B 32 -13.37 15.70 -6.62
C LYS B 32 -13.18 15.29 -5.16
N GLN B 33 -13.77 16.06 -4.24
CA GLN B 33 -13.71 15.76 -2.80
C GLN B 33 -14.34 14.37 -2.52
N GLN B 34 -15.53 14.14 -3.07
CA GLN B 34 -16.26 12.90 -2.82
C GLN B 34 -15.58 11.67 -3.38
N ASP B 35 -14.92 11.81 -4.53
CA ASP B 35 -14.18 10.71 -5.14
C ASP B 35 -13.05 10.21 -4.19
N VAL B 36 -12.36 11.14 -3.49
CA VAL B 36 -11.29 10.75 -2.55
C VAL B 36 -11.85 10.18 -1.24
N ILE B 37 -12.95 10.74 -0.72
CA ILE B 37 -13.60 10.20 0.50
C ILE B 37 -14.06 8.76 0.23
N TYR B 38 -14.63 8.54 -0.95
CA TYR B 38 -15.08 7.22 -1.37
C TYR B 38 -13.88 6.24 -1.43
N GLU B 39 -12.72 6.68 -1.95
CA GLU B 39 -11.53 5.82 -2.00
C GLU B 39 -11.07 5.48 -0.58
N LEU B 40 -11.10 6.45 0.34
CA LEU B 40 -10.70 6.17 1.72
C LEU B 40 -11.61 5.06 2.33
N ILE B 41 -12.96 5.15 2.10
CA ILE B 41 -13.87 4.17 2.68
C ILE B 41 -13.72 2.82 1.98
N GLN B 42 -13.65 2.84 0.65
CA GLN B 42 -13.49 1.62 -0.14
C GLN B 42 -12.19 0.86 0.28
N THR B 43 -11.06 1.58 0.49
CA THR B 43 -9.81 0.91 0.90
C THR B 43 -9.89 0.47 2.39
N GLU B 44 -10.70 1.17 3.23
CA GLU B 44 -10.88 0.73 4.62
C GLU B 44 -11.71 -0.57 4.60
N LEU B 45 -12.76 -0.63 3.76
CA LEU B 45 -13.56 -1.86 3.57
C LEU B 45 -12.63 -3.06 3.16
N HIS B 46 -11.73 -2.85 2.18
CA HIS B 46 -10.77 -3.90 1.73
C HIS B 46 -9.77 -4.28 2.84
N HIS B 47 -9.31 -3.30 3.62
CA HIS B 47 -8.39 -3.53 4.75
C HIS B 47 -9.05 -4.39 5.84
N VAL B 48 -10.33 -4.09 6.23
CA VAL B 48 -11.05 -4.91 7.23
C VAL B 48 -11.21 -6.32 6.66
N ARG B 49 -11.54 -6.40 5.37
CA ARG B 49 -11.64 -7.68 4.68
C ARG B 49 -10.32 -8.52 4.74
N THR B 50 -9.16 -7.88 4.54
CA THR B 50 -7.82 -8.54 4.67
C THR B 50 -7.70 -9.10 6.12
N LEU B 51 -8.10 -8.29 7.12
CA LEU B 51 -8.06 -8.78 8.51
C LEU B 51 -9.03 -9.97 8.74
N LYS B 52 -10.20 -10.01 8.07
CA LYS B 52 -11.11 -11.17 8.19
C LYS B 52 -10.52 -12.44 7.56
N ILE B 53 -9.82 -12.32 6.43
CA ILE B 53 -9.12 -13.45 5.78
C ILE B 53 -8.07 -14.02 6.76
N MET B 54 -7.31 -13.12 7.42
CA MET B 54 -6.31 -13.53 8.39
C MET B 54 -6.89 -14.22 9.60
N THR B 55 -7.96 -13.69 10.21
CA THR B 55 -8.55 -14.32 11.41
C THR B 55 -9.42 -15.54 11.09
N ARG B 56 -10.35 -15.43 10.14
CA ARG B 56 -11.29 -16.50 9.84
C ARG B 56 -10.78 -17.57 8.90
N LEU B 57 -10.14 -17.18 7.79
CA LEU B 57 -9.68 -18.18 6.82
C LEU B 57 -8.40 -18.86 7.29
N PHE B 58 -7.36 -18.07 7.54
CA PHE B 58 -6.07 -18.62 7.93
C PHE B 58 -5.96 -19.05 9.39
N ARG B 59 -6.07 -18.11 10.35
CA ARG B 59 -5.89 -18.42 11.75
C ARG B 59 -6.81 -19.54 12.26
N THR B 60 -8.12 -19.41 12.03
CA THR B 60 -9.11 -20.37 12.50
C THR B 60 -8.98 -21.72 11.79
N GLY B 61 -8.72 -21.69 10.48
CA GLY B 61 -8.54 -22.91 9.74
C GLY B 61 -7.35 -23.70 10.22
N MET B 62 -6.28 -23.01 10.64
CA MET B 62 -5.09 -23.69 11.16
C MET B 62 -5.38 -24.32 12.53
N LEU B 63 -6.12 -23.63 13.42
CA LEU B 63 -6.48 -24.19 14.72
C LEU B 63 -7.43 -25.37 14.58
N GLU B 64 -8.39 -25.28 13.66
CA GLU B 64 -9.39 -26.35 13.50
C GLU B 64 -8.96 -27.56 12.64
N GLU B 65 -8.02 -27.38 11.69
N GLU B 65 -8.26 -27.35 11.53
CA GLU B 65 -7.56 -28.50 10.85
CA GLU B 65 -7.90 -28.45 10.63
C GLU B 65 -6.14 -29.00 11.08
C GLU B 65 -6.51 -28.98 10.85
N LEU B 66 -5.25 -28.17 11.65
N LEU B 66 -5.53 -28.10 11.00
CA LEU B 66 -3.85 -28.58 11.84
CA LEU B 66 -4.15 -28.52 11.24
C LEU B 66 -3.48 -28.87 13.30
C LEU B 66 -3.86 -28.83 12.72
N HIS B 67 -2.37 -29.59 13.52
N HIS B 67 -4.69 -28.31 13.64
CA HIS B 67 -1.89 -29.90 14.86
CA HIS B 67 -4.53 -28.46 15.08
C HIS B 67 -0.56 -29.17 15.06
C HIS B 67 -3.16 -27.98 15.55
N LEU B 68 -0.61 -27.84 15.19
N LEU B 68 -2.67 -26.89 14.94
CA LEU B 68 0.61 -27.04 15.36
CA LEU B 68 -1.38 -26.30 15.31
C LEU B 68 0.98 -26.87 16.81
C LEU B 68 -1.47 -25.68 16.71
N GLU B 69 2.27 -26.66 17.09
N GLU B 69 -0.34 -25.63 17.42
CA GLU B 69 2.75 -26.45 18.46
CA GLU B 69 -0.28 -25.06 18.76
C GLU B 69 2.14 -25.16 19.05
C GLU B 69 -0.65 -23.58 18.72
N PRO B 70 1.82 -25.14 20.35
N PRO B 70 -1.52 -23.13 19.65
CA PRO B 70 1.21 -23.93 20.94
CA PRO B 70 -1.95 -21.72 19.66
C PRO B 70 2.03 -22.66 20.76
C PRO B 70 -0.82 -20.69 19.61
N GLY B 71 1.35 -21.57 20.44
N GLY B 71 0.34 -21.02 20.18
CA GLY B 71 1.97 -20.27 20.21
CA GLY B 71 1.48 -20.12 20.19
C GLY B 71 2.57 -20.11 18.83
C GLY B 71 2.14 -19.98 18.83
N VAL B 72 2.26 -21.02 17.90
N VAL B 72 2.09 -21.05 18.01
CA VAL B 72 2.76 -20.92 16.53
CA VAL B 72 2.67 -21.01 16.67
C VAL B 72 1.78 -20.09 15.71
C VAL B 72 1.78 -20.13 15.79
N VAL B 73 0.46 -20.35 15.83
CA VAL B 73 -0.53 -19.57 15.09
C VAL B 73 -0.49 -18.08 15.53
N GLN B 74 -0.23 -17.81 16.81
CA GLN B 74 -0.11 -16.46 17.35
CA GLN B 74 -0.12 -16.46 17.33
C GLN B 74 1.09 -15.72 16.71
N GLY B 75 2.18 -16.45 16.46
CA GLY B 75 3.38 -15.90 15.85
C GLY B 75 3.20 -15.58 14.37
N LEU B 76 2.35 -16.37 13.68
CA LEU B 76 2.03 -16.15 12.28
C LEU B 76 1.11 -14.93 12.14
N PHE B 77 0.13 -14.77 13.06
CA PHE B 77 -0.84 -13.67 12.96
C PHE B 77 -0.86 -12.79 14.20
N PRO B 78 0.22 -12.05 14.47
CA PRO B 78 0.24 -11.25 15.72
C PRO B 78 -0.80 -10.13 15.69
N CYS B 79 -1.46 -9.84 16.85
CA CYS B 79 -2.40 -8.73 17.06
C CYS B 79 -3.59 -8.68 16.12
N VAL B 80 -3.89 -9.74 15.37
CA VAL B 80 -4.97 -9.72 14.37
CA VAL B 80 -4.93 -9.70 14.37
C VAL B 80 -6.35 -9.42 14.97
N ASP B 81 -6.64 -9.93 16.19
CA ASP B 81 -7.95 -9.65 16.81
C ASP B 81 -8.04 -8.16 17.22
N GLU B 82 -6.98 -7.60 17.79
CA GLU B 82 -6.96 -6.19 18.17
CA GLU B 82 -7.00 -6.20 18.17
C GLU B 82 -7.09 -5.30 16.94
N LEU B 83 -6.37 -5.65 15.86
CA LEU B 83 -6.38 -4.88 14.62
C LEU B 83 -7.78 -4.89 14.02
N SER B 84 -8.42 -6.08 13.98
CA SER B 84 -9.77 -6.25 13.44
C SER B 84 -10.76 -5.41 14.23
N ASP B 85 -10.62 -5.38 15.57
CA ASP B 85 -11.49 -4.57 16.43
C ASP B 85 -11.33 -3.06 16.14
N ILE B 86 -10.11 -2.55 16.08
CA ILE B 86 -9.86 -1.14 15.78
C ILE B 86 -10.49 -0.73 14.41
N HIS B 87 -10.18 -1.51 13.35
CA HIS B 87 -10.58 -1.15 12.01
C HIS B 87 -12.06 -1.45 11.73
N THR B 88 -12.64 -2.47 12.36
CA THR B 88 -14.08 -2.75 12.16
C THR B 88 -14.91 -1.60 12.77
N ARG B 89 -14.47 -1.06 13.92
CA ARG B 89 -15.18 0.03 14.55
C ARG B 89 -15.02 1.29 13.69
N PHE B 90 -13.80 1.56 13.16
CA PHE B 90 -13.56 2.73 12.31
C PHE B 90 -14.40 2.64 11.05
N LEU B 91 -14.42 1.47 10.41
CA LEU B 91 -15.23 1.21 9.21
C LEU B 91 -16.72 1.43 9.54
N SER B 92 -17.20 0.96 10.72
CA SER B 92 -18.60 1.14 11.10
CA SER B 92 -18.60 1.13 11.10
C SER B 92 -18.99 2.62 11.13
N GLN B 93 -18.15 3.45 11.73
CA GLN B 93 -18.37 4.89 11.78
C GLN B 93 -18.34 5.55 10.40
N LEU B 94 -17.44 5.11 9.50
CA LEU B 94 -17.34 5.67 8.14
C LEU B 94 -18.62 5.30 7.37
N LEU B 95 -19.04 4.03 7.48
CA LEU B 95 -20.21 3.52 6.75
C LEU B 95 -21.50 4.15 7.30
N GLU B 96 -21.58 4.44 8.60
CA GLU B 96 -22.77 5.10 9.17
C GLU B 96 -22.84 6.57 8.73
N ARG B 97 -21.68 7.23 8.56
CA ARG B 97 -21.62 8.63 8.10
C ARG B 97 -22.18 8.73 6.65
N ARG B 98 -21.81 7.78 5.77
CA ARG B 98 -22.32 7.69 4.41
C ARG B 98 -23.85 7.39 4.46
N ARG B 99 -24.25 6.38 5.27
CA ARG B 99 -25.64 5.97 5.38
C ARG B 99 -26.56 7.13 5.82
N GLN B 100 -26.16 7.87 6.86
CA GLN B 100 -26.94 9.04 7.32
C GLN B 100 -27.12 10.07 6.20
N ALA B 101 -26.16 10.18 5.28
CA ALA B 101 -26.18 11.19 4.21
C ALA B 101 -26.94 10.80 2.96
N LEU B 102 -27.42 9.55 2.87
CA LEU B 102 -28.19 9.13 1.69
C LEU B 102 -29.49 9.97 1.56
N CYS B 103 -29.89 10.28 0.32
CA CYS B 103 -31.16 10.94 0.06
C CYS B 103 -32.26 9.96 0.32
N PRO B 104 -33.43 10.42 0.78
CA PRO B 104 -34.60 9.52 0.88
C PRO B 104 -34.96 8.93 -0.50
N GLY B 105 -35.29 7.65 -0.54
CA GLY B 105 -35.59 6.96 -1.78
C GLY B 105 -34.34 6.47 -2.51
N SER B 106 -33.16 6.57 -1.88
CA SER B 106 -31.93 6.12 -2.54
C SER B 106 -31.06 5.32 -1.62
N THR B 107 -30.36 4.33 -2.17
CA THR B 107 -29.35 3.59 -1.43
C THR B 107 -27.95 3.87 -1.97
N ARG B 108 -27.77 4.83 -2.91
CA ARG B 108 -26.46 5.11 -3.48
C ARG B 108 -26.12 6.60 -3.55
N ASN B 109 -27.13 7.49 -3.51
CA ASN B 109 -26.86 8.92 -3.67
C ASN B 109 -26.64 9.61 -2.34
N PHE B 110 -25.43 10.16 -2.13
CA PHE B 110 -25.06 10.83 -0.88
C PHE B 110 -23.89 11.80 -1.08
N VAL B 111 -23.68 12.72 -0.13
CA VAL B 111 -22.50 13.57 -0.12
C VAL B 111 -22.04 13.65 1.35
N ILE B 112 -20.77 13.38 1.64
CA ILE B 112 -20.26 13.49 2.99
C ILE B 112 -19.57 14.85 3.11
N HIS B 113 -20.14 15.74 3.90
CA HIS B 113 -19.57 17.07 4.09
C HIS B 113 -18.69 17.18 5.33
N ARG B 114 -18.81 16.27 6.32
N ARG B 114 -18.90 16.30 6.29
CA ARG B 114 -18.12 16.44 7.62
CA ARG B 114 -18.19 16.32 7.55
C ARG B 114 -17.16 15.34 8.12
C ARG B 114 -17.51 14.98 7.74
N LEU B 115 -16.33 14.81 7.25
N LEU B 115 -16.23 14.94 7.44
CA LEU B 115 -15.38 13.75 7.60
CA LEU B 115 -15.38 13.76 7.63
C LEU B 115 -14.28 14.10 8.64
C LEU B 115 -14.28 14.09 8.65
N GLY B 116 -13.79 15.33 8.64
CA GLY B 116 -12.75 15.80 9.55
C GLY B 116 -12.91 15.42 11.00
N ASP B 117 -14.11 15.65 11.55
CA ASP B 117 -14.42 15.37 12.96
CA ASP B 117 -14.41 15.38 12.95
C ASP B 117 -14.28 13.89 13.31
N LEU B 118 -14.72 13.02 12.41
CA LEU B 118 -14.64 11.57 12.58
C LEU B 118 -13.14 11.18 12.58
N LEU B 119 -12.34 11.76 11.65
CA LEU B 119 -10.90 11.48 11.60
C LEU B 119 -10.15 12.00 12.84
N ILE B 120 -10.57 13.15 13.41
CA ILE B 120 -9.95 13.66 14.64
C ILE B 120 -10.21 12.67 15.78
N SER B 121 -11.45 12.16 15.87
CA SER B 121 -11.83 11.20 16.91
CA SER B 121 -11.83 11.20 16.91
C SER B 121 -11.01 9.91 16.80
N GLN B 122 -10.91 9.34 15.59
CA GLN B 122 -10.16 8.11 15.39
C GLN B 122 -8.66 8.26 15.71
N PHE B 123 -8.07 9.41 15.35
CA PHE B 123 -6.64 9.61 15.53
C PHE B 123 -6.27 10.46 16.77
N SER B 124 -7.12 10.46 17.79
CA SER B 124 -6.81 11.14 19.06
C SER B 124 -7.38 10.31 20.24
N GLY B 125 -6.91 10.60 21.46
CA GLY B 125 -7.36 9.91 22.67
C GLY B 125 -7.10 8.42 22.74
N PRO B 126 -7.91 7.72 23.55
CA PRO B 126 -7.71 6.28 23.72
C PRO B 126 -7.62 5.46 22.43
N SER B 127 -8.44 5.77 21.40
CA SER B 127 -8.38 4.99 20.17
C SER B 127 -7.02 5.17 19.46
N ALA B 128 -6.44 6.37 19.53
CA ALA B 128 -5.12 6.61 18.93
C ALA B 128 -4.03 5.87 19.71
N GLU B 129 -4.16 5.82 21.06
CA GLU B 129 -3.21 5.08 21.91
C GLU B 129 -3.24 3.60 21.55
N GLN B 130 -4.44 3.04 21.37
CA GLN B 130 -4.59 1.63 21.01
C GLN B 130 -3.98 1.35 19.62
N MET B 131 -4.23 2.22 18.63
CA MET B 131 -3.63 2.08 17.29
C MET B 131 -2.10 2.12 17.38
N CYS B 132 -1.54 3.06 18.16
CA CYS B 132 -0.09 3.17 18.34
C CYS B 132 0.48 1.92 18.98
N LYS B 133 -0.12 1.42 20.07
CA LYS B 133 0.42 0.24 20.74
C LYS B 133 0.32 -1.02 19.88
N THR B 134 -0.82 -1.17 19.18
CA THR B 134 -1.07 -2.35 18.37
C THR B 134 -0.15 -2.41 17.15
N TYR B 135 0.02 -1.31 16.39
CA TYR B 135 0.91 -1.31 15.23
C TYR B 135 2.41 -1.38 15.61
N SER B 136 2.80 -0.84 16.80
CA SER B 136 4.19 -0.93 17.25
C SER B 136 4.51 -2.41 17.51
N GLU B 137 3.55 -3.15 18.11
CA GLU B 137 3.67 -4.58 18.40
CA GLU B 137 3.74 -4.57 18.37
C GLU B 137 3.66 -5.37 17.08
N PHE B 138 2.64 -5.10 16.21
CA PHE B 138 2.50 -5.81 14.92
C PHE B 138 3.75 -5.65 14.02
N CYS B 139 4.17 -4.42 13.73
CA CYS B 139 5.29 -4.15 12.87
C CYS B 139 6.61 -4.63 13.44
N SER B 140 6.73 -4.76 14.80
CA SER B 140 7.92 -5.34 15.42
C SER B 140 7.94 -6.89 15.30
N ARG B 141 6.78 -7.51 15.03
CA ARG B 141 6.63 -8.96 14.87
C ARG B 141 6.46 -9.40 13.41
N HIS B 142 6.51 -8.45 12.48
CA HIS B 142 6.30 -8.65 11.06
C HIS B 142 7.34 -9.64 10.46
N SER B 143 8.64 -9.39 10.60
CA SER B 143 9.68 -10.27 10.05
CA SER B 143 9.68 -10.27 10.06
C SER B 143 9.60 -11.68 10.63
N LYS B 144 9.34 -11.79 11.96
CA LYS B 144 9.24 -13.06 12.65
C LYS B 144 8.13 -13.92 12.09
N ALA B 145 6.99 -13.30 11.78
CA ALA B 145 5.83 -13.94 11.17
C ALA B 145 6.17 -14.51 9.79
N LEU B 146 6.80 -13.71 8.90
CA LEU B 146 7.19 -14.17 7.56
C LEU B 146 8.17 -15.34 7.66
N LYS B 147 9.15 -15.27 8.59
CA LYS B 147 10.12 -16.39 8.70
C LYS B 147 9.48 -17.67 9.22
N LEU B 148 8.53 -17.53 10.16
CA LEU B 148 7.82 -18.67 10.72
C LEU B 148 6.94 -19.31 9.67
N TYR B 149 6.31 -18.49 8.79
CA TYR B 149 5.48 -18.99 7.71
C TYR B 149 6.33 -19.81 6.74
N LYS B 150 7.46 -19.24 6.34
CA LYS B 150 8.39 -19.88 5.42
C LYS B 150 8.92 -21.19 5.98
N GLU B 151 9.24 -21.24 7.28
CA GLU B 151 9.71 -22.46 7.92
CA GLU B 151 9.70 -22.47 7.90
C GLU B 151 8.64 -23.57 7.81
N LEU B 152 7.39 -23.29 8.25
CA LEU B 152 6.27 -24.22 8.25
C LEU B 152 5.92 -24.72 6.84
N TYR B 153 5.91 -23.81 5.87
CA TYR B 153 5.60 -24.19 4.49
C TYR B 153 6.68 -25.13 3.93
N ALA B 154 7.94 -24.96 4.34
CA ALA B 154 9.02 -25.81 3.83
C ALA B 154 9.12 -27.18 4.49
N ARG B 155 8.72 -27.28 5.77
CA ARG B 155 8.88 -28.53 6.50
CA ARG B 155 8.87 -28.48 6.60
C ARG B 155 7.59 -29.31 6.76
N ASP B 156 6.41 -28.66 6.79
CA ASP B 156 5.16 -29.37 7.03
C ASP B 156 4.27 -29.58 5.78
N LYS B 157 4.10 -30.87 5.40
CA LYS B 157 3.26 -31.28 4.26
C LYS B 157 1.80 -30.86 4.45
N ARG B 158 1.20 -31.13 5.62
CA ARG B 158 -0.18 -30.76 5.87
C ARG B 158 -0.37 -29.25 5.86
N PHE B 159 0.62 -28.48 6.34
CA PHE B 159 0.55 -27.02 6.32
C PHE B 159 0.61 -26.51 4.88
N GLN B 160 1.45 -27.12 4.05
CA GLN B 160 1.57 -26.77 2.64
C GLN B 160 0.25 -27.02 1.92
N GLN B 161 -0.38 -28.20 2.16
CA GLN B 161 -1.66 -28.57 1.53
C GLN B 161 -2.78 -27.65 1.98
N PHE B 162 -2.77 -27.25 3.26
CA PHE B 162 -3.79 -26.34 3.80
C PHE B 162 -3.67 -24.99 3.10
N ILE B 163 -2.46 -24.42 3.04
CA ILE B 163 -2.25 -23.12 2.38
C ILE B 163 -2.70 -23.15 0.91
N ARG B 164 -2.27 -24.19 0.17
CA ARG B 164 -2.59 -24.33 -1.23
C ARG B 164 -4.09 -24.47 -1.47
N LYS B 165 -4.78 -25.18 -0.58
CA LYS B 165 -6.21 -25.37 -0.66
C LYS B 165 -6.98 -24.04 -0.43
N VAL B 166 -6.69 -23.34 0.68
CA VAL B 166 -7.45 -22.14 1.03
C VAL B 166 -7.08 -20.94 0.18
N THR B 167 -5.88 -20.91 -0.46
CA THR B 167 -5.52 -19.79 -1.31
C THR B 167 -5.74 -20.08 -2.81
N ARG B 168 -6.24 -21.25 -3.18
CA ARG B 168 -6.49 -21.61 -4.58
C ARG B 168 -7.54 -20.72 -5.29
N PRO B 169 -8.69 -20.35 -4.66
CA PRO B 169 -9.67 -19.52 -5.37
C PRO B 169 -9.11 -18.22 -5.90
N ALA B 170 -9.51 -17.83 -7.10
CA ALA B 170 -9.08 -16.62 -7.76
C ALA B 170 -9.27 -15.35 -6.89
N VAL B 171 -10.36 -15.25 -6.09
CA VAL B 171 -10.57 -14.07 -5.23
C VAL B 171 -9.48 -13.92 -4.17
N LEU B 172 -8.68 -14.98 -3.89
CA LEU B 172 -7.55 -14.91 -2.93
C LEU B 172 -6.19 -14.64 -3.63
N LYS B 173 -6.18 -14.30 -4.93
CA LYS B 173 -4.92 -14.13 -5.67
C LYS B 173 -3.88 -13.21 -5.00
N ARG B 174 -4.34 -12.10 -4.41
CA ARG B 174 -3.46 -11.11 -3.76
C ARG B 174 -3.35 -11.31 -2.26
N HIS B 175 -3.99 -12.34 -1.69
CA HIS B 175 -4.12 -12.45 -0.25
C HIS B 175 -3.52 -13.69 0.38
N GLY B 176 -2.29 -14.05 -0.01
CA GLY B 176 -1.60 -15.13 0.70
C GLY B 176 -1.18 -14.62 2.08
N VAL B 177 -0.70 -15.52 2.96
CA VAL B 177 -0.30 -15.12 4.33
C VAL B 177 0.67 -13.94 4.36
N GLN B 178 1.76 -13.99 3.58
CA GLN B 178 2.77 -12.93 3.58
C GLN B 178 2.23 -11.64 2.97
N GLU B 179 1.38 -11.75 1.94
CA GLU B 179 0.77 -10.56 1.32
C GLU B 179 -0.16 -9.86 2.34
N CYS B 180 -0.94 -10.63 3.13
CA CYS B 180 -1.84 -10.03 4.13
C CYS B 180 -1.02 -9.24 5.18
N ILE B 181 0.12 -9.83 5.60
CA ILE B 181 0.97 -9.17 6.61
C ILE B 181 1.50 -7.83 6.08
N LEU B 182 1.97 -7.79 4.82
CA LEU B 182 2.47 -6.54 4.28
C LEU B 182 1.33 -5.54 4.00
N LEU B 183 0.17 -6.02 3.54
CA LEU B 183 -1.01 -5.15 3.35
C LEU B 183 -1.37 -4.43 4.66
N VAL B 184 -1.28 -5.15 5.79
CA VAL B 184 -1.64 -4.54 7.09
C VAL B 184 -0.59 -3.52 7.50
N THR B 185 0.72 -3.88 7.39
CA THR B 185 1.82 -2.97 7.74
C THR B 185 1.75 -1.67 6.90
N GLN B 186 1.42 -1.81 5.60
CA GLN B 186 1.35 -0.63 4.72
C GLN B 186 0.10 0.23 4.90
N ARG B 187 -0.96 -0.32 5.51
CA ARG B 187 -2.21 0.46 5.68
C ARG B 187 -2.06 1.83 6.36
N ILE B 188 -1.37 1.87 7.48
CA ILE B 188 -1.24 3.10 8.23
C ILE B 188 -0.58 4.23 7.47
N THR B 189 0.38 3.93 6.57
CA THR B 189 1.04 4.98 5.80
C THR B 189 0.21 5.44 4.59
N LYS B 190 -0.92 4.79 4.29
CA LYS B 190 -1.82 5.26 3.24
C LYS B 190 -2.65 6.45 3.72
N TYR B 191 -2.95 6.53 5.04
CA TYR B 191 -3.84 7.57 5.60
C TYR B 191 -3.41 9.02 5.29
N PRO B 192 -2.12 9.44 5.45
CA PRO B 192 -1.80 10.85 5.17
C PRO B 192 -1.95 11.22 3.69
N LEU B 193 -1.78 10.25 2.78
CA LEU B 193 -1.91 10.50 1.35
CA LEU B 193 -1.92 10.48 1.34
C LEU B 193 -3.39 10.76 1.02
N LEU B 194 -4.30 9.93 1.55
CA LEU B 194 -5.73 10.09 1.34
C LEU B 194 -6.25 11.39 1.98
N ILE B 195 -5.93 11.63 3.26
CA ILE B 195 -6.38 12.82 3.97
C ILE B 195 -5.85 14.11 3.31
N SER B 196 -4.57 14.15 2.85
CA SER B 196 -4.03 15.34 2.21
CA SER B 196 -4.05 15.35 2.21
CA SER B 196 -4.03 15.35 2.21
C SER B 196 -4.80 15.67 0.91
N ARG B 197 -5.17 14.64 0.14
CA ARG B 197 -5.90 14.86 -1.11
C ARG B 197 -7.38 15.26 -0.82
N ILE B 198 -7.99 14.71 0.26
CA ILE B 198 -9.36 15.12 0.64
C ILE B 198 -9.30 16.63 1.03
N LEU B 199 -8.30 17.00 1.83
CA LEU B 199 -8.09 18.37 2.29
C LEU B 199 -7.90 19.34 1.10
N GLN B 200 -7.16 18.91 0.08
CA GLN B 200 -6.96 19.72 -1.13
C GLN B 200 -8.29 20.18 -1.78
N HIS B 201 -9.37 19.39 -1.63
CA HIS B 201 -10.69 19.71 -2.18
C HIS B 201 -11.75 20.03 -1.08
N SER B 202 -11.30 20.45 0.10
CA SER B 202 -12.22 20.74 1.20
C SER B 202 -12.03 22.16 1.72
N HIS B 203 -11.71 23.10 0.83
CA HIS B 203 -11.51 24.49 1.25
C HIS B 203 -12.82 25.32 1.33
N GLY B 204 -13.91 24.82 0.74
CA GLY B 204 -15.21 25.50 0.74
C GLY B 204 -15.78 25.84 2.10
N ILE B 205 -15.65 24.94 3.09
CA ILE B 205 -16.11 25.20 4.45
CA ILE B 205 -16.12 25.20 4.44
C ILE B 205 -14.88 25.28 5.32
N GLU B 206 -14.61 26.46 5.89
CA GLU B 206 -13.42 26.69 6.72
C GLU B 206 -13.33 25.73 7.90
N GLU B 207 -14.45 25.43 8.60
CA GLU B 207 -14.43 24.45 9.69
C GLU B 207 -13.93 23.07 9.19
N GLU B 208 -14.33 22.66 7.96
CA GLU B 208 -13.91 21.36 7.44
C GLU B 208 -12.42 21.36 7.09
N ARG B 209 -11.92 22.40 6.43
CA ARG B 209 -10.50 22.52 6.11
C ARG B 209 -9.64 22.46 7.39
N GLN B 210 -10.12 23.15 8.45
CA GLN B 210 -9.43 23.13 9.72
C GLN B 210 -9.42 21.74 10.37
N ASP B 211 -10.56 21.06 10.41
CA ASP B 211 -10.62 19.72 11.02
C ASP B 211 -9.75 18.68 10.29
N LEU B 212 -9.72 18.71 8.96
CA LEU B 212 -8.89 17.84 8.13
C LEU B 212 -7.42 18.18 8.34
N THR B 213 -7.07 19.47 8.49
CA THR B 213 -5.68 19.84 8.76
C THR B 213 -5.25 19.28 10.13
N THR B 214 -6.16 19.34 11.14
CA THR B 214 -5.89 18.78 12.47
C THR B 214 -5.76 17.24 12.37
N ALA B 215 -6.66 16.57 11.62
CA ALA B 215 -6.61 15.11 11.46
C ALA B 215 -5.30 14.68 10.81
N LEU B 216 -4.84 15.43 9.79
CA LEU B 216 -3.60 15.11 9.09
C LEU B 216 -2.41 15.16 10.06
N GLY B 217 -2.36 16.19 10.88
CA GLY B 217 -1.34 16.34 11.92
C GLY B 217 -1.37 15.19 12.92
N LEU B 218 -2.57 14.78 13.36
CA LEU B 218 -2.72 13.67 14.32
C LEU B 218 -2.22 12.32 13.71
N VAL B 219 -2.54 12.06 12.44
CA VAL B 219 -2.10 10.81 11.78
C VAL B 219 -0.57 10.77 11.70
N LYS B 220 0.06 11.89 11.30
CA LYS B 220 1.51 12.00 11.20
C LYS B 220 2.17 11.80 12.57
N GLU B 221 1.58 12.32 13.66
CA GLU B 221 2.16 12.12 15.00
CA GLU B 221 2.18 12.11 15.00
C GLU B 221 2.12 10.63 15.35
N LEU B 222 0.99 9.97 15.04
CA LEU B 222 0.78 8.55 15.28
C LEU B 222 1.84 7.73 14.52
N LEU B 223 2.02 8.00 13.23
CA LEU B 223 3.01 7.31 12.40
C LEU B 223 4.42 7.51 12.94
N SER B 224 4.75 8.75 13.35
CA SER B 224 6.07 9.02 13.92
CA SER B 224 6.06 9.04 13.91
C SER B 224 6.30 8.22 15.19
N ASN B 225 5.25 8.07 16.02
CA ASN B 225 5.32 7.31 17.28
C ASN B 225 5.47 5.80 16.99
N VAL B 226 4.72 5.28 16.02
CA VAL B 226 4.81 3.87 15.66
C VAL B 226 6.22 3.54 15.12
N ASP B 227 6.73 4.39 14.21
CA ASP B 227 8.03 4.23 13.56
C ASP B 227 9.16 4.20 14.61
N GLU B 228 9.06 5.07 15.63
CA GLU B 228 10.04 5.13 16.71
C GLU B 228 9.93 3.95 17.68
N GLY B 229 8.80 3.27 17.74
CA GLY B 229 8.60 2.15 18.66
C GLY B 229 8.87 0.77 18.08
N ILE B 230 9.42 0.72 16.85
CA ILE B 230 9.72 -0.55 16.18
C ILE B 230 11.13 -1.07 16.43
N TYR B 231 11.26 -2.36 16.79
CA TYR B 231 12.50 -3.09 16.89
C TYR B 231 12.15 -4.53 16.49
N GLN B 232 12.66 -4.98 15.34
CA GLN B 232 12.31 -6.30 14.82
C GLN B 232 12.72 -7.45 15.73
N LEU B 233 11.75 -8.24 16.12
CA LEU B 233 11.99 -9.44 16.91
C LEU B 233 12.55 -10.53 15.99
N GLU B 234 13.44 -11.38 16.52
CA GLU B 234 14.00 -12.47 15.75
C GLU B 234 13.98 -13.72 16.61
N LYS B 235 13.43 -14.82 16.09
CA LYS B 235 13.38 -16.07 16.83
C LYS B 235 14.82 -16.54 17.11
N GLY B 236 15.11 -16.88 18.37
CA GLY B 236 16.44 -17.33 18.74
C GLY B 236 17.49 -16.22 18.84
N ALA B 237 17.06 -14.95 18.87
CA ALA B 237 18.02 -13.85 19.03
C ALA B 237 18.48 -13.88 20.49
N ARG B 238 19.78 -13.74 20.70
CA ARG B 238 20.35 -13.77 22.03
C ARG B 238 20.34 -12.38 22.67
N LEU B 239 20.36 -12.32 23.99
CA LEU B 239 20.36 -11.05 24.72
CA LEU B 239 20.35 -11.05 24.70
C LEU B 239 21.53 -10.15 24.29
N GLN B 240 22.72 -10.76 24.11
CA GLN B 240 23.93 -10.03 23.69
C GLN B 240 23.69 -9.30 22.35
N GLU B 241 23.06 -9.93 21.37
CA GLU B 241 22.76 -9.27 20.10
C GLU B 241 21.78 -8.11 20.32
N ILE B 242 20.83 -8.25 21.24
CA ILE B 242 19.85 -7.21 21.52
C ILE B 242 20.49 -6.00 22.24
N TYR B 243 21.20 -6.19 23.38
CA TYR B 243 21.77 -5.05 24.10
C TYR B 243 22.97 -4.42 23.37
N ASN B 244 23.53 -5.06 22.34
CA ASN B 244 24.60 -4.44 21.54
C ASN B 244 24.02 -3.72 20.31
N ARG B 245 22.68 -3.49 20.25
CA ARG B 245 22.03 -2.79 19.13
C ARG B 245 22.60 -1.38 19.02
N1 LWA C . 0.05 -5.09 -20.64
C4 LWA C . 1.44 -8.36 -19.54
C5 LWA C . 1.91 -8.86 -20.76
C6 LWA C . 2.65 -10.15 -20.83
C7 LWA C . 0.67 -3.93 -20.31
C8 LWA C . -0.06 -2.65 -20.64
C10 LWA C . -0.57 -0.44 -19.91
N LWA C . 3.82 -10.16 -21.47
C LWA C . 1.72 -8.10 -21.90
O LWA C . 2.16 -11.17 -20.33
C1 LWA C . 1.07 -6.88 -21.86
C11 LWA C . -1.80 -1.30 -19.97
C2 LWA C . 0.63 -6.37 -20.65
C3 LWA C . 0.80 -7.12 -19.49
C9 LWA C . 0.57 -1.44 -19.98
O1 LWA C . 1.80 -3.89 -19.85
O2 LWA C . -1.39 -2.65 -20.11
S DMS D . 16.92 4.21 -22.59
O DMS D . 18.32 4.81 -22.62
C1 DMS D . 16.72 3.19 -24.06
C2 DMS D . 15.83 5.61 -22.99
C FMT E . 25.87 2.94 -21.38
O1 FMT E . 25.39 1.91 -21.88
O2 FMT E . 25.23 4.13 -21.25
C FMT F . -2.93 11.47 -7.12
O1 FMT F . -3.22 12.64 -7.36
O2 FMT F . -3.47 10.42 -7.79
C FMT G . -4.73 -9.39 -9.58
O1 FMT G . -4.07 -9.31 -8.54
O2 FMT G . -6.09 -9.25 -9.65
C FMT H . 15.35 7.72 1.73
O1 FMT H . 15.41 8.73 1.06
O2 FMT H . 15.73 6.50 1.28
C FMT I . 20.38 -7.31 5.59
O1 FMT I . 20.35 -7.02 6.78
O2 FMT I . 19.37 -7.90 4.91
C FMT J . 13.13 -5.83 7.14
O1 FMT J . 13.89 -6.06 6.20
O2 FMT J . 13.37 -4.90 8.10
C FMT K . -0.98 -7.98 -16.25
O1 FMT K . -1.41 -6.81 -16.29
O2 FMT K . -1.50 -8.98 -15.48
S DMS L . -30.53 13.67 3.21
O DMS L . -29.64 13.12 4.30
C1 DMS L . -29.51 14.36 1.88
C2 DMS L . -31.14 15.27 3.83
S DMS M . -15.47 21.46 -0.50
O DMS M . -14.74 22.68 -1.02
C1 DMS M . -16.09 20.61 -1.98
C2 DMS M . -17.06 22.08 0.14
S DMS N . 7.64 -30.89 2.35
O DMS N . 6.18 -30.81 2.69
C1 DMS N . 7.84 -32.18 1.09
C2 DMS N . 8.45 -31.78 3.69
S DMS O . -19.67 17.81 -12.46
O DMS O . -20.55 16.60 -12.60
C1 DMS O . -20.57 19.20 -13.20
C2 DMS O . -18.40 17.71 -13.75
C FMT P . -21.28 21.49 5.75
O1 FMT P . -21.69 20.79 6.66
O2 FMT P . -20.03 21.37 5.24
C FMT Q . -21.97 14.89 6.73
O1 FMT Q . -21.00 14.14 6.82
O2 FMT Q . -22.59 15.25 5.57
C FMT R . 1.27 14.14 3.46
O1 FMT R . 1.10 15.34 3.67
O2 FMT R . 0.85 13.50 2.34
C FMT S . -1.57 -5.76 21.49
O1 FMT S . -0.81 -4.82 21.39
O2 FMT S . -2.15 -6.41 20.46
C FMT T . -7.78 16.83 19.18
O1 FMT T . -7.65 17.95 18.68
O2 FMT T . -6.90 16.26 20.04
C FMT U . 10.73 -12.94 20.69
O1 FMT U . 10.03 -13.55 19.91
O2 FMT U . 11.95 -12.48 20.38
C FMT V . -23.43 22.47 2.49
O1 FMT V . -22.89 23.55 2.68
O2 FMT V . -24.19 22.16 1.41
#